data_3FCF
#
_entry.id   3FCF
#
_cell.length_a   43.251
_cell.length_b   69.260
_cell.length_c   70.097
_cell.angle_alpha   90.000
_cell.angle_beta   90.000
_cell.angle_gamma   90.000
#
_symmetry.space_group_name_H-M   'P 21 21 21'
#
loop_
_entity.id
_entity.type
_entity.pdbx_description
1 polymer 'Uracil-DNA glycosylase'
2 non-polymer '3-[(1E,7E)-8-(2,6-dioxo-1,2,3,6-tetrahydropyrimidin-4-yl)-3,6-dioxa-2,7-diazaocta-1,7-dien-1-yl]benzoic acid'
3 non-polymer 'THIOCYANATE ION'
4 water water
#
_entity_poly.entity_id   1
_entity_poly.type   'polypeptide(L)'
_entity_poly.pdbx_seq_one_letter_code
;MEFFGESWKKHLSGEFGKPYFIKLMGFVAEERKHYTVYPPPHQVFTWTQMCDIKDVKVVILGQDPYHGPNQAHGLCFSVQ
RPVPPPPSLENIYKELSTDIEDFVHPGHGDLSGWAKQGVLLLNAVLTVRAHQANSHKERGWEQFTDAVVSWLNQNSNGLV
FLLWGSYAQKKGSAIDRKRHHVLQTAHPSPLSVYRGFFGCRHFSKTNELLQKSGKKPIDWKEL
;
_entity_poly.pdbx_strand_id   A
#
loop_
_chem_comp.id
_chem_comp.type
_chem_comp.name
_chem_comp.formula
FCF non-polymer '3-[(1E,7E)-8-(2,6-dioxo-1,2,3,6-tetrahydropyrimidin-4-yl)-3,6-dioxa-2,7-diazaocta-1,7-dien-1-yl]benzoic acid' 'C15 H14 N4 O6'
SCN non-polymer 'THIOCYANATE ION' 'C N S -1'
#
# COMPACT_ATOMS: atom_id res chain seq x y z
N MET A 1 9.05 -16.39 -12.36
CA MET A 1 8.72 -15.28 -11.44
C MET A 1 9.18 -13.93 -12.01
N GLU A 2 8.28 -12.95 -11.98
CA GLU A 2 8.56 -11.63 -12.54
C GLU A 2 9.03 -10.64 -11.49
N PHE A 3 9.93 -9.75 -11.89
CA PHE A 3 10.39 -8.66 -11.03
C PHE A 3 9.31 -7.58 -10.92
N PHE A 4 8.60 -7.33 -12.02
CA PHE A 4 7.63 -6.24 -12.13
C PHE A 4 6.45 -6.72 -12.96
N GLY A 5 5.24 -6.66 -12.39
CA GLY A 5 4.03 -7.13 -13.05
C GLY A 5 3.78 -6.55 -14.44
N GLU A 6 3.40 -7.42 -15.38
CA GLU A 6 3.23 -7.06 -16.81
C GLU A 6 2.31 -5.86 -17.07
N SER A 7 1.08 -5.91 -16.55
CA SER A 7 0.09 -4.85 -16.81
C SER A 7 0.49 -3.51 -16.21
N TRP A 8 1.16 -3.56 -15.06
CA TRP A 8 1.66 -2.35 -14.41
C TRP A 8 2.82 -1.77 -15.21
N LYS A 9 3.70 -2.66 -15.71
CA LYS A 9 4.86 -2.27 -16.51
C LYS A 9 4.44 -1.49 -17.75
N LYS A 10 3.39 -1.98 -18.42
CA LYS A 10 2.85 -1.35 -19.61
C LYS A 10 2.51 0.13 -19.41
N HIS A 11 1.96 0.46 -18.25
CA HIS A 11 1.45 1.79 -18.01
C HIS A 11 2.38 2.70 -17.22
N LEU A 12 3.37 2.11 -16.55
CA LEU A 12 4.31 2.87 -15.72
C LEU A 12 5.73 2.99 -16.32
N SER A 13 6.00 2.26 -17.39
CA SER A 13 7.37 2.20 -17.96
C SER A 13 7.90 3.53 -18.51
N GLY A 14 7.00 4.49 -18.74
CA GLY A 14 7.39 5.84 -19.12
C GLY A 14 8.24 6.52 -18.05
N GLU A 15 8.12 6.05 -16.81
CA GLU A 15 8.92 6.54 -15.71
C GLU A 15 10.38 6.06 -15.75
N PHE A 16 10.59 4.86 -16.29
CA PHE A 16 11.84 4.12 -16.14
C PHE A 16 13.07 4.81 -16.72
N GLY A 17 12.90 5.49 -17.85
CA GLY A 17 14.01 6.19 -18.50
C GLY A 17 14.27 7.58 -17.99
N LYS A 18 13.43 8.07 -17.07
CA LYS A 18 13.58 9.42 -16.53
C LYS A 18 14.80 9.50 -15.61
N PRO A 19 15.51 10.64 -15.61
CA PRO A 19 16.71 10.80 -14.79
C PRO A 19 16.56 10.38 -13.33
N TYR A 20 15.47 10.77 -12.68
CA TYR A 20 15.25 10.44 -11.26
C TYR A 20 15.22 8.92 -11.04
N PHE A 21 14.67 8.20 -12.01
CA PHE A 21 14.46 6.77 -11.87
C PHE A 21 15.75 5.97 -12.01
N ILE A 22 16.53 6.28 -13.03
CA ILE A 22 17.86 5.71 -13.21
C ILE A 22 18.72 5.97 -11.95
N LYS A 23 18.68 7.22 -11.47
CA LYS A 23 19.39 7.61 -10.25
C LYS A 23 18.93 6.79 -9.04
N LEU A 24 17.62 6.62 -8.91
CA LEU A 24 17.05 5.79 -7.83
C LEU A 24 17.54 4.34 -7.90
N MET A 25 17.52 3.76 -9.11
CA MET A 25 17.99 2.39 -9.30
C MET A 25 19.44 2.23 -8.83
N GLY A 26 20.28 3.20 -9.19
CA GLY A 26 21.68 3.23 -8.79
C GLY A 26 21.86 3.37 -7.29
N PHE A 27 21.02 4.20 -6.67
CA PHE A 27 21.09 4.40 -5.23
C PHE A 27 20.80 3.11 -4.47
N VAL A 28 19.70 2.45 -4.83
CA VAL A 28 19.30 1.20 -4.19
C VAL A 28 20.35 0.12 -4.41
N ALA A 29 20.86 0.02 -5.63
CA ALA A 29 21.86 -0.98 -5.98
C ALA A 29 23.14 -0.81 -5.14
N GLU A 30 23.58 0.43 -4.98
CA GLU A 30 24.74 0.75 -4.13
C GLU A 30 24.47 0.45 -2.65
N GLU A 31 23.28 0.76 -2.18
CA GLU A 31 22.87 0.44 -0.81
C GLU A 31 22.92 -1.08 -0.53
N ARG A 32 22.46 -1.88 -1.50
CA ARG A 32 22.43 -3.33 -1.34
C ARG A 32 23.83 -3.96 -1.32
N LYS A 33 24.82 -3.25 -1.87
CA LYS A 33 26.19 -3.74 -1.87
C LYS A 33 26.86 -3.60 -0.50
N HIS A 34 26.41 -2.62 0.29
CA HIS A 34 27.06 -2.30 1.56
C HIS A 34 26.17 -2.57 2.79
N TYR A 35 24.87 -2.72 2.56
CA TYR A 35 23.90 -2.93 3.66
C TYR A 35 22.87 -4.00 3.30
N THR A 36 22.17 -4.50 4.31
CA THR A 36 20.96 -5.29 4.06
C THR A 36 19.80 -4.31 3.83
N VAL A 37 19.09 -4.51 2.72
CA VAL A 37 17.99 -3.64 2.32
C VAL A 37 16.70 -4.45 2.20
N TYR A 38 15.63 -3.95 2.80
CA TYR A 38 14.32 -4.61 2.76
C TYR A 38 13.34 -3.82 1.88
N PRO A 39 12.41 -4.53 1.19
CA PRO A 39 12.38 -5.99 1.04
C PRO A 39 13.45 -6.45 0.06
N PRO A 40 13.72 -7.77 -0.01
CA PRO A 40 14.63 -8.31 -1.02
C PRO A 40 14.20 -7.92 -2.44
N PRO A 41 15.14 -7.93 -3.41
CA PRO A 41 14.84 -7.42 -4.75
C PRO A 41 13.58 -8.00 -5.37
N HIS A 42 13.40 -9.31 -5.23
CA HIS A 42 12.24 -9.98 -5.82
C HIS A 42 10.90 -9.61 -5.17
N GLN A 43 10.94 -8.86 -4.07
CA GLN A 43 9.71 -8.47 -3.37
C GLN A 43 9.43 -6.96 -3.36
N VAL A 44 10.32 -6.16 -3.95
CA VAL A 44 10.14 -4.71 -4.04
C VAL A 44 8.80 -4.32 -4.70
N PHE A 45 8.44 -5.05 -5.75
CA PHE A 45 7.24 -4.74 -6.52
C PHE A 45 6.11 -5.77 -6.40
N THR A 46 5.98 -6.39 -5.23
CA THR A 46 4.92 -7.38 -4.98
C THR A 46 3.53 -6.81 -5.26
N TRP A 47 3.37 -5.51 -4.98
CA TRP A 47 2.13 -4.78 -5.23
C TRP A 47 1.71 -4.79 -6.71
N THR A 48 2.65 -5.05 -7.61
CA THR A 48 2.36 -5.21 -9.05
C THR A 48 2.09 -6.66 -9.48
N GLN A 49 2.20 -7.61 -8.54
CA GLN A 49 2.14 -9.04 -8.90
C GLN A 49 0.79 -9.68 -8.59
N MET A 50 0.00 -9.02 -7.76
CA MET A 50 -1.16 -9.65 -7.11
C MET A 50 -2.46 -9.50 -7.89
N CYS A 51 -2.57 -8.44 -8.67
CA CYS A 51 -3.72 -8.22 -9.54
C CYS A 51 -3.29 -7.35 -10.71
N ASP A 52 -4.10 -7.40 -11.76
CA ASP A 52 -3.93 -6.52 -12.91
C ASP A 52 -4.21 -5.08 -12.50
N ILE A 53 -3.49 -4.14 -13.09
CA ILE A 53 -3.68 -2.72 -12.77
C ILE A 53 -5.13 -2.26 -13.01
N LYS A 54 -5.79 -2.81 -14.03
CA LYS A 54 -7.19 -2.52 -14.34
C LYS A 54 -8.18 -3.02 -13.30
N ASP A 55 -7.71 -3.91 -12.42
CA ASP A 55 -8.58 -4.56 -11.44
C ASP A 55 -8.47 -3.97 -10.02
N VAL A 56 -7.64 -2.93 -9.87
CA VAL A 56 -7.54 -2.20 -8.60
C VAL A 56 -8.89 -1.55 -8.28
N LYS A 57 -9.34 -1.72 -7.04
CA LYS A 57 -10.61 -1.16 -6.56
C LYS A 57 -10.40 -0.21 -5.38
N VAL A 58 -9.44 -0.56 -4.52
CA VAL A 58 -9.18 0.17 -3.28
C VAL A 58 -7.68 0.44 -3.22
N VAL A 59 -7.30 1.61 -2.71
CA VAL A 59 -5.89 1.97 -2.58
C VAL A 59 -5.58 2.42 -1.16
N ILE A 60 -4.69 1.68 -0.48
CA ILE A 60 -4.23 2.06 0.85
C ILE A 60 -2.80 2.54 0.72
N LEU A 61 -2.58 3.81 1.04
CA LEU A 61 -1.26 4.41 0.91
C LEU A 61 -0.51 4.37 2.23
N GLY A 62 0.71 3.81 2.19
CA GLY A 62 1.61 3.80 3.33
C GLY A 62 2.83 4.68 3.06
N GLN A 63 3.78 4.65 3.99
CA GLN A 63 4.96 5.49 3.91
C GLN A 63 6.21 4.64 3.66
N ASP A 64 6.75 4.07 4.73
CA ASP A 64 8.03 3.34 4.72
C ASP A 64 7.73 1.85 4.87
N PRO A 65 8.54 0.98 4.25
CA PRO A 65 8.37 -0.44 4.52
C PRO A 65 8.87 -0.78 5.92
N TYR A 66 8.41 -1.89 6.48
CA TYR A 66 8.97 -2.40 7.74
C TYR A 66 10.47 -2.60 7.57
N HIS A 67 11.22 -2.28 8.62
CA HIS A 67 12.68 -2.30 8.54
C HIS A 67 13.33 -3.42 9.35
N GLY A 68 12.50 -4.31 9.90
CA GLY A 68 13.00 -5.45 10.68
C GLY A 68 13.15 -6.70 9.83
N PRO A 69 13.97 -7.66 10.30
CA PRO A 69 14.20 -8.88 9.51
C PRO A 69 12.90 -9.60 9.18
N ASN A 70 12.77 -10.04 7.93
CA ASN A 70 11.66 -10.88 7.47
C ASN A 70 10.27 -10.20 7.41
N GLN A 71 10.21 -8.90 7.66
CA GLN A 71 8.92 -8.21 7.75
C GLN A 71 8.39 -7.73 6.39
N ALA A 72 9.07 -6.77 5.77
CA ALA A 72 8.61 -6.18 4.51
C ALA A 72 8.63 -7.18 3.36
N HIS A 73 7.54 -7.24 2.60
CA HIS A 73 7.53 -8.07 1.39
C HIS A 73 6.88 -7.44 0.17
N GLY A 74 6.74 -6.11 0.18
CA GLY A 74 6.25 -5.36 -0.98
C GLY A 74 4.79 -4.93 -0.96
N LEU A 75 4.08 -5.27 0.11
CA LEU A 75 2.71 -4.78 0.34
C LEU A 75 2.71 -4.06 1.68
N CYS A 76 2.16 -2.84 1.72
CA CYS A 76 2.14 -2.04 2.94
C CYS A 76 1.40 -2.74 4.08
N PHE A 77 1.98 -2.67 5.28
CA PHE A 77 1.41 -3.24 6.51
C PHE A 77 1.47 -4.76 6.62
N SER A 78 1.72 -5.43 5.50
CA SER A 78 1.67 -6.89 5.43
C SER A 78 2.98 -7.56 5.87
N VAL A 79 2.86 -8.71 6.52
CA VAL A 79 4.00 -9.58 6.84
C VAL A 79 3.67 -11.04 6.51
N GLN A 80 4.58 -11.71 5.81
CA GLN A 80 4.39 -13.11 5.42
C GLN A 80 4.51 -14.04 6.63
N ARG A 81 3.84 -15.18 6.55
CA ARG A 81 3.97 -16.24 7.55
C ARG A 81 5.44 -16.66 7.66
N PRO A 82 5.90 -17.00 8.87
CA PRO A 82 5.17 -17.02 10.13
C PRO A 82 5.40 -15.78 11.00
N VAL A 83 5.78 -14.66 10.36
CA VAL A 83 6.10 -13.43 11.08
C VAL A 83 4.86 -12.88 11.78
N PRO A 84 4.96 -12.58 13.10
CA PRO A 84 3.81 -12.00 13.79
C PRO A 84 3.43 -10.62 13.24
N PRO A 85 2.12 -10.35 13.10
CA PRO A 85 1.65 -9.02 12.76
C PRO A 85 2.20 -7.98 13.73
N PRO A 86 2.86 -6.92 13.20
CA PRO A 86 3.31 -5.78 13.99
C PRO A 86 2.14 -5.01 14.62
N PRO A 87 2.42 -4.15 15.61
CA PRO A 87 1.35 -3.43 16.30
C PRO A 87 0.36 -2.69 15.39
N SER A 88 0.86 -2.05 14.33
CA SER A 88 0.00 -1.36 13.37
C SER A 88 -1.02 -2.31 12.74
N LEU A 89 -0.55 -3.51 12.40
CA LEU A 89 -1.41 -4.49 11.75
C LEU A 89 -2.39 -5.11 12.73
N GLU A 90 -1.96 -5.34 13.97
CA GLU A 90 -2.89 -5.81 15.00
C GLU A 90 -4.02 -4.80 15.18
N ASN A 91 -3.69 -3.50 15.11
CA ASN A 91 -4.70 -2.44 15.20
C ASN A 91 -5.68 -2.42 14.02
N ILE A 92 -5.15 -2.59 12.81
CA ILE A 92 -5.99 -2.77 11.61
C ILE A 92 -6.97 -3.94 11.80
N TYR A 93 -6.46 -5.08 12.24
CA TYR A 93 -7.30 -6.26 12.53
C TYR A 93 -8.34 -6.00 13.63
N LYS A 94 -7.94 -5.25 14.66
CA LYS A 94 -8.85 -4.91 15.77
C LYS A 94 -10.02 -4.06 15.28
N GLU A 95 -9.73 -3.04 14.48
CA GLU A 95 -10.76 -2.19 13.90
C GLU A 95 -11.69 -3.00 12.99
N LEU A 96 -11.11 -3.87 12.18
CA LEU A 96 -11.89 -4.77 11.34
C LEU A 96 -12.89 -5.60 12.16
N SER A 97 -12.42 -6.15 13.29
CA SER A 97 -13.26 -7.00 14.14
C SER A 97 -14.49 -6.27 14.70
N THR A 98 -14.34 -4.98 15.00
CA THR A 98 -15.45 -4.18 15.52
C THR A 98 -16.27 -3.55 14.40
N ASP A 99 -15.61 -3.27 13.28
CA ASP A 99 -16.25 -2.68 12.11
C ASP A 99 -17.14 -3.71 11.42
N ILE A 100 -16.59 -4.89 11.18
CA ILE A 100 -17.30 -5.94 10.47
C ILE A 100 -17.54 -7.14 11.37
N GLU A 101 -18.78 -7.24 11.84
CA GLU A 101 -19.30 -8.35 12.64
C GLU A 101 -18.64 -9.70 12.37
N ASP A 102 -18.57 -10.08 11.10
CA ASP A 102 -18.17 -11.43 10.71
C ASP A 102 -16.70 -11.58 10.31
N PHE A 103 -15.94 -10.49 10.39
CA PHE A 103 -14.51 -10.58 10.13
C PHE A 103 -13.85 -11.53 11.12
N VAL A 104 -13.06 -12.46 10.59
CA VAL A 104 -12.28 -13.36 11.42
C VAL A 104 -10.78 -13.05 11.25
N HIS A 105 -10.08 -13.01 12.37
CA HIS A 105 -8.62 -12.84 12.42
C HIS A 105 -7.98 -14.08 11.79
N PRO A 106 -7.08 -13.89 10.81
CA PRO A 106 -6.57 -15.04 10.08
C PRO A 106 -5.46 -15.81 10.81
N GLY A 107 -4.92 -15.24 11.88
CA GLY A 107 -3.83 -15.86 12.62
C GLY A 107 -2.46 -15.65 11.98
N HIS A 108 -2.42 -14.73 11.00
CA HIS A 108 -1.18 -14.36 10.33
C HIS A 108 -1.33 -12.92 9.83
N GLY A 109 -0.25 -12.36 9.30
CA GLY A 109 -0.26 -10.97 8.86
C GLY A 109 -0.13 -10.74 7.37
N ASP A 110 -0.34 -11.80 6.58
CA ASP A 110 -0.19 -11.74 5.13
C ASP A 110 -1.45 -11.19 4.47
N LEU A 111 -1.32 -10.02 3.86
CA LEU A 111 -2.45 -9.32 3.25
C LEU A 111 -2.59 -9.57 1.74
N SER A 112 -1.90 -10.61 1.26
CA SER A 112 -1.98 -11.02 -0.14
C SER A 112 -3.43 -11.27 -0.59
N GLY A 113 -4.25 -11.81 0.31
CA GLY A 113 -5.67 -12.03 0.04
C GLY A 113 -6.43 -10.77 -0.35
N TRP A 114 -6.07 -9.63 0.25
CA TRP A 114 -6.65 -8.34 -0.13
C TRP A 114 -6.11 -7.85 -1.48
N ALA A 115 -4.79 -7.94 -1.64
CA ALA A 115 -4.13 -7.53 -2.88
C ALA A 115 -4.69 -8.23 -4.13
N LYS A 116 -4.95 -9.53 -4.01
CA LYS A 116 -5.56 -10.31 -5.09
C LYS A 116 -6.98 -9.85 -5.45
N GLN A 117 -7.67 -9.26 -4.47
CA GLN A 117 -9.02 -8.71 -4.68
C GLN A 117 -9.02 -7.30 -5.26
N GLY A 118 -7.83 -6.77 -5.53
CA GLY A 118 -7.70 -5.42 -6.05
C GLY A 118 -7.51 -4.35 -5.00
N VAL A 119 -7.04 -4.76 -3.82
CA VAL A 119 -6.67 -3.77 -2.81
C VAL A 119 -5.19 -3.44 -2.98
N LEU A 120 -4.90 -2.28 -3.56
CA LEU A 120 -3.52 -1.86 -3.75
C LEU A 120 -2.90 -1.40 -2.43
N LEU A 121 -1.82 -2.09 -2.04
CA LEU A 121 -1.16 -1.80 -0.77
C LEU A 121 0.19 -1.15 -1.04
N LEU A 122 0.12 0.13 -1.41
CA LEU A 122 1.29 0.87 -1.90
C LEU A 122 1.96 1.74 -0.85
N ASN A 123 3.21 1.42 -0.52
CA ASN A 123 4.07 2.33 0.25
C ASN A 123 4.62 3.40 -0.68
N ALA A 124 4.80 4.61 -0.16
CA ALA A 124 5.38 5.72 -0.94
C ALA A 124 6.87 5.49 -1.20
N VAL A 125 7.55 4.91 -0.21
CA VAL A 125 8.96 4.57 -0.33
C VAL A 125 9.06 3.05 -0.32
N LEU A 126 9.72 2.47 -1.31
CA LEU A 126 9.65 1.02 -1.55
C LEU A 126 10.83 0.19 -1.03
N THR A 127 11.86 0.87 -0.52
CA THR A 127 12.99 0.18 0.11
C THR A 127 13.42 0.90 1.38
N VAL A 128 14.12 0.18 2.25
CA VAL A 128 14.60 0.70 3.52
C VAL A 128 15.83 -0.12 3.93
N ARG A 129 16.83 0.57 4.47
CA ARG A 129 17.98 -0.07 5.06
C ARG A 129 17.55 -0.75 6.36
N ALA A 130 18.01 -1.98 6.57
CA ALA A 130 17.68 -2.74 7.78
C ALA A 130 17.84 -1.91 9.05
N HIS A 131 16.83 -1.98 9.92
CA HIS A 131 16.84 -1.34 11.25
C HIS A 131 16.87 0.19 11.24
N GLN A 132 16.73 0.80 10.06
CA GLN A 132 16.84 2.25 9.92
C GLN A 132 15.64 2.88 9.21
N ALA A 133 14.62 3.24 9.97
CA ALA A 133 13.41 3.86 9.44
C ALA A 133 13.73 5.10 8.61
N ASN A 134 13.06 5.21 7.46
CA ASN A 134 13.15 6.38 6.57
C ASN A 134 14.54 6.61 5.96
N SER A 135 15.39 5.59 6.02
CA SER A 135 16.76 5.67 5.48
C SER A 135 16.82 5.88 3.96
N HIS A 136 15.78 5.45 3.24
CA HIS A 136 15.72 5.63 1.78
C HIS A 136 14.74 6.71 1.32
N LYS A 137 14.33 7.56 2.26
CA LYS A 137 13.40 8.65 2.03
C LYS A 137 14.00 9.69 1.08
N GLU A 138 13.16 10.24 0.22
CA GLU A 138 13.51 11.30 -0.73
C GLU A 138 14.75 10.97 -1.60
N ARG A 139 14.76 9.75 -2.10
CA ARG A 139 15.84 9.27 -2.96
C ARG A 139 15.33 8.95 -4.36
N GLY A 140 14.04 9.19 -4.59
CA GLY A 140 13.43 8.95 -5.89
C GLY A 140 12.12 8.17 -5.87
N TRP A 141 11.92 7.34 -4.84
CA TRP A 141 10.69 6.51 -4.74
C TRP A 141 9.40 7.32 -4.74
N GLU A 142 9.41 8.45 -4.01
CA GLU A 142 8.22 9.30 -3.90
C GLU A 142 7.73 9.76 -5.27
N GLN A 143 8.65 10.16 -6.14
CA GLN A 143 8.27 10.57 -7.48
C GLN A 143 7.66 9.41 -8.27
N PHE A 144 8.21 8.21 -8.11
CA PHE A 144 7.68 7.06 -8.81
C PHE A 144 6.31 6.66 -8.31
N THR A 145 6.14 6.56 -6.99
CA THR A 145 4.86 6.16 -6.42
C THR A 145 3.79 7.23 -6.62
N ASP A 146 4.20 8.50 -6.70
CA ASP A 146 3.31 9.59 -7.13
C ASP A 146 2.78 9.34 -8.53
N ALA A 147 3.64 8.86 -9.42
CA ALA A 147 3.24 8.52 -10.78
C ALA A 147 2.21 7.38 -10.80
N VAL A 148 2.38 6.41 -9.90
CA VAL A 148 1.41 5.31 -9.75
C VAL A 148 0.04 5.88 -9.35
N VAL A 149 0.05 6.72 -8.31
CA VAL A 149 -1.18 7.37 -7.82
C VAL A 149 -1.83 8.25 -8.89
N SER A 150 -1.00 8.99 -9.62
N SER A 150 -1.00 9.01 -9.62
CA SER A 150 -1.49 9.86 -10.70
CA SER A 150 -1.48 9.86 -10.71
C SER A 150 -2.13 9.06 -11.83
C SER A 150 -2.13 9.06 -11.83
N TRP A 151 -1.52 7.92 -12.17
CA TRP A 151 -2.06 7.06 -13.23
C TRP A 151 -3.45 6.54 -12.89
N LEU A 152 -3.59 6.03 -11.67
CA LEU A 152 -4.88 5.49 -11.20
C LEU A 152 -5.95 6.57 -11.11
N ASN A 153 -5.57 7.75 -10.64
CA ASN A 153 -6.46 8.90 -10.59
C ASN A 153 -7.04 9.24 -11.96
N GLN A 154 -6.16 9.25 -12.98
CA GLN A 154 -6.54 9.68 -14.33
C GLN A 154 -7.20 8.58 -15.18
N ASN A 155 -6.92 7.32 -14.88
CA ASN A 155 -7.25 6.21 -15.78
C ASN A 155 -8.19 5.15 -15.24
N SER A 156 -8.72 5.39 -14.05
CA SER A 156 -9.77 4.54 -13.49
C SER A 156 -10.82 5.44 -12.85
N ASN A 157 -11.94 4.86 -12.45
CA ASN A 157 -13.02 5.62 -11.80
C ASN A 157 -13.62 4.88 -10.61
N GLY A 158 -14.05 5.66 -9.62
CA GLY A 158 -14.73 5.13 -8.45
C GLY A 158 -13.88 4.28 -7.54
N LEU A 159 -12.57 4.52 -7.55
CA LEU A 159 -11.67 3.90 -6.57
C LEU A 159 -11.97 4.44 -5.18
N VAL A 160 -11.72 3.61 -4.17
CA VAL A 160 -11.76 4.06 -2.80
C VAL A 160 -10.31 4.21 -2.32
N PHE A 161 -9.91 5.46 -2.06
CA PHE A 161 -8.60 5.72 -1.47
C PHE A 161 -8.75 5.83 0.03
N LEU A 162 -7.93 5.07 0.75
CA LEU A 162 -7.93 5.07 2.21
C LEU A 162 -6.62 5.69 2.69
N LEU A 163 -6.72 6.88 3.27
CA LEU A 163 -5.55 7.66 3.65
C LEU A 163 -5.41 7.76 5.17
N TRP A 164 -4.49 6.96 5.71
CA TRP A 164 -4.33 6.86 7.15
C TRP A 164 -3.07 7.59 7.60
N GLY A 165 -3.26 8.68 8.34
CA GLY A 165 -2.13 9.51 8.78
C GLY A 165 -1.86 10.66 7.83
N SER A 166 -1.17 11.70 8.33
CA SER A 166 -0.94 12.93 7.57
C SER A 166 -0.08 12.73 6.33
N TYR A 167 0.84 11.77 6.36
CA TYR A 167 1.70 11.50 5.21
C TYR A 167 0.91 10.96 4.01
N ALA A 168 0.04 10.00 4.28
CA ALA A 168 -0.82 9.40 3.26
C ALA A 168 -1.84 10.42 2.73
N GLN A 169 -2.35 11.25 3.64
CA GLN A 169 -3.30 12.31 3.28
C GLN A 169 -2.66 13.33 2.33
N LYS A 170 -1.41 13.68 2.60
CA LYS A 170 -0.66 14.56 1.71
C LYS A 170 -0.44 13.91 0.33
N LYS A 171 -0.03 12.64 0.32
CA LYS A 171 0.23 11.94 -0.93
C LYS A 171 -1.03 11.75 -1.76
N GLY A 172 -2.19 11.71 -1.11
CA GLY A 172 -3.47 11.60 -1.80
C GLY A 172 -4.23 12.91 -1.93
N SER A 173 -3.54 14.03 -1.75
CA SER A 173 -4.20 15.33 -1.67
C SER A 173 -4.77 15.83 -3.00
N ALA A 174 -4.17 15.39 -4.11
CA ALA A 174 -4.58 15.82 -5.44
C ALA A 174 -5.48 14.82 -6.15
N ILE A 175 -5.97 13.81 -5.42
CA ILE A 175 -6.94 12.87 -5.98
C ILE A 175 -8.24 13.62 -6.27
N ASP A 176 -8.79 13.36 -7.45
CA ASP A 176 -10.03 13.95 -7.91
C ASP A 176 -11.22 13.35 -7.15
N ARG A 177 -11.73 14.05 -6.14
CA ARG A 177 -12.86 13.50 -5.35
C ARG A 177 -14.25 13.63 -6.00
N LYS A 178 -14.29 14.14 -7.24
CA LYS A 178 -15.49 14.02 -8.07
C LYS A 178 -15.52 12.66 -8.78
N ARG A 179 -14.35 12.07 -8.99
N ARG A 179 -14.34 12.09 -9.02
CA ARG A 179 -14.25 10.83 -9.75
CA ARG A 179 -14.18 10.85 -9.77
C ARG A 179 -13.84 9.62 -8.89
C ARG A 179 -13.90 9.64 -8.86
N HIS A 180 -13.28 9.90 -7.71
CA HIS A 180 -12.90 8.82 -6.77
C HIS A 180 -13.38 9.11 -5.35
N HIS A 181 -13.53 8.04 -4.55
CA HIS A 181 -13.89 8.18 -3.16
C HIS A 181 -12.62 8.27 -2.30
N VAL A 182 -12.62 9.17 -1.32
CA VAL A 182 -11.50 9.31 -0.42
C VAL A 182 -11.96 9.29 1.04
N LEU A 183 -11.45 8.32 1.80
CA LEU A 183 -11.68 8.26 3.24
C LEU A 183 -10.38 8.62 3.98
N GLN A 184 -10.49 9.43 5.03
CA GLN A 184 -9.33 9.89 5.80
C GLN A 184 -9.52 9.62 7.28
N THR A 185 -8.45 9.16 7.93
CA THR A 185 -8.40 9.02 9.38
C THR A 185 -6.96 9.02 9.89
N ALA A 186 -6.78 8.79 11.19
CA ALA A 186 -5.44 8.72 11.79
C ALA A 186 -4.73 7.42 11.42
N HIS A 187 -3.40 7.43 11.53
CA HIS A 187 -2.57 6.25 11.31
C HIS A 187 -2.86 5.16 12.37
N PRO A 188 -2.90 3.88 11.94
CA PRO A 188 -3.16 2.77 12.87
C PRO A 188 -2.04 2.41 13.87
N SER A 189 -0.90 3.09 13.84
CA SER A 189 0.16 2.85 14.82
C SER A 189 -0.36 3.15 16.24
N PRO A 190 0.12 2.40 17.25
CA PRO A 190 -0.30 2.62 18.64
C PRO A 190 -0.30 4.09 19.08
N LEU A 191 0.68 4.86 18.61
CA LEU A 191 0.80 6.28 19.00
C LEU A 191 -0.33 7.18 18.49
N SER A 192 -1.02 6.78 17.42
CA SER A 192 -2.04 7.61 16.79
C SER A 192 -3.43 6.95 16.64
N VAL A 193 -3.49 5.65 16.89
CA VAL A 193 -4.70 4.86 16.62
C VAL A 193 -5.98 5.38 17.28
N TYR A 194 -5.85 5.92 18.49
CA TYR A 194 -7.01 6.43 19.23
C TYR A 194 -7.37 7.88 18.91
N ARG A 195 -6.63 8.47 17.99
CA ARG A 195 -6.93 9.81 17.52
C ARG A 195 -7.73 9.77 16.22
N GLY A 196 -8.46 8.67 16.00
CA GLY A 196 -9.37 8.56 14.88
C GLY A 196 -9.52 7.19 14.25
N PHE A 197 -8.44 6.42 14.20
CA PHE A 197 -8.45 5.14 13.47
C PHE A 197 -9.41 4.11 14.07
N PHE A 198 -9.37 3.93 15.40
CA PHE A 198 -10.37 3.10 16.06
C PHE A 198 -11.74 3.80 16.00
N GLY A 199 -12.70 3.16 15.36
CA GLY A 199 -14.00 3.77 15.11
C GLY A 199 -14.16 4.42 13.75
N CYS A 200 -13.11 4.38 12.92
CA CYS A 200 -13.18 4.98 11.59
C CYS A 200 -14.09 4.19 10.66
N ARG A 201 -14.12 2.87 10.85
CA ARG A 201 -15.00 1.95 10.11
C ARG A 201 -14.84 2.04 8.60
N HIS A 202 -13.60 2.27 8.15
CA HIS A 202 -13.29 2.45 6.74
C HIS A 202 -13.57 1.21 5.90
N PHE A 203 -13.53 0.04 6.53
CA PHE A 203 -13.67 -1.22 5.81
C PHE A 203 -15.10 -1.50 5.36
N SER A 204 -16.07 -1.29 6.25
CA SER A 204 -17.49 -1.35 5.90
C SER A 204 -17.86 -0.20 4.97
N LYS A 205 -17.38 1.01 5.30
CA LYS A 205 -17.63 2.20 4.48
C LYS A 205 -17.10 2.05 3.05
N THR A 206 -15.95 1.38 2.91
CA THR A 206 -15.35 1.10 1.60
C THR A 206 -16.28 0.26 0.74
N ASN A 207 -16.84 -0.80 1.32
CA ASN A 207 -17.73 -1.69 0.61
C ASN A 207 -19.04 -1.04 0.16
N GLU A 208 -19.56 -0.14 0.99
CA GLU A 208 -20.72 0.68 0.61
C GLU A 208 -20.41 1.59 -0.58
N LEU A 209 -19.27 2.28 -0.51
CA LEU A 209 -18.84 3.14 -1.62
C LEU A 209 -18.61 2.36 -2.92
N LEU A 210 -18.05 1.16 -2.80
CA LEU A 210 -17.81 0.29 -3.96
C LEU A 210 -19.10 -0.10 -4.67
N GLN A 211 -20.15 -0.37 -3.89
CA GLN A 211 -21.48 -0.61 -4.43
C GLN A 211 -21.99 0.57 -5.25
N LYS A 212 -21.77 1.78 -4.74
CA LYS A 212 -22.14 3.03 -5.44
C LYS A 212 -21.35 3.22 -6.72
N SER A 213 -20.15 2.64 -6.77
CA SER A 213 -19.32 2.63 -7.98
C SER A 213 -19.73 1.49 -8.91
N GLY A 214 -20.72 0.70 -8.49
CA GLY A 214 -21.19 -0.46 -9.26
C GLY A 214 -20.20 -1.60 -9.28
N LYS A 215 -19.44 -1.74 -8.19
CA LYS A 215 -18.41 -2.76 -8.08
C LYS A 215 -18.70 -3.70 -6.92
N LYS A 216 -18.24 -4.95 -7.05
CA LYS A 216 -18.42 -5.95 -6.00
C LYS A 216 -17.54 -5.58 -4.80
N PRO A 217 -18.02 -5.88 -3.58
CA PRO A 217 -17.27 -5.44 -2.40
C PRO A 217 -16.04 -6.30 -2.10
N ILE A 218 -15.13 -5.78 -1.31
CA ILE A 218 -13.99 -6.54 -0.83
C ILE A 218 -14.45 -7.46 0.29
N ASP A 219 -14.04 -8.73 0.23
CA ASP A 219 -14.20 -9.63 1.36
C ASP A 219 -12.94 -9.53 2.23
N TRP A 220 -13.04 -8.73 3.29
CA TRP A 220 -11.89 -8.43 4.15
C TRP A 220 -11.38 -9.65 4.92
N LYS A 221 -12.23 -10.66 5.09
CA LYS A 221 -11.83 -11.90 5.76
C LYS A 221 -11.15 -12.92 4.82
N GLU A 222 -11.17 -12.64 3.52
CA GLU A 222 -10.50 -13.50 2.54
C GLU A 222 -8.99 -13.24 2.57
N LEU A 223 -8.34 -13.88 3.54
CA LEU A 223 -6.92 -13.72 3.76
C LEU A 223 -6.27 -15.07 3.96
O40 FCF B . 1.38 10.17 9.11
C38 FCF B . 0.93 10.20 10.47
O39 FCF B . 0.07 11.02 10.86
C5 FCF B . 1.48 9.19 11.45
C6 FCF B . 1.18 9.29 12.81
C1 FCF B . 1.69 8.36 13.72
C4 FCF B . 2.30 8.15 10.99
C3 FCF B . 2.81 7.22 11.90
C2 FCF B . 2.52 7.33 13.25
C17 FCF B . 3.68 6.13 11.40
N18 FCF B . 4.09 5.21 12.15
O21 FCF B . 4.89 4.22 11.66
C22 FCF B . 5.38 3.20 12.53
C23 FCF B . 4.34 2.09 12.69
O27 FCF B . 4.64 1.00 11.82
N31 FCF B . 4.53 1.14 10.46
C30 FCF B . 4.27 0.16 9.72
C16 FCF B . 4.17 0.38 8.26
N11 FCF B . 3.86 1.61 7.80
C15 FCF B . 4.39 -0.66 7.36
C14 FCF B . 4.28 -0.37 5.99
O33 FCF B . 4.46 -1.27 5.15
N13 FCF B . 3.97 0.87 5.60
C12 FCF B . 3.77 1.85 6.49
O34 FCF B . 3.49 3.01 6.09
S SCN C . 14.84 -1.51 -6.90
C SCN C . 15.48 -2.57 -6.07
N SCN C . 15.94 -3.44 -5.45
S SCN D . 8.06 -0.23 11.23
C SCN D . 9.17 -1.27 11.23
N SCN D . 9.81 -2.33 11.30
#